data_8KBI
#
_entry.id   8KBI
#
_cell.length_a   91.039
_cell.length_b   91.039
_cell.length_c   99.181
_cell.angle_alpha   90.00
_cell.angle_beta   90.00
_cell.angle_gamma   120.00
#
_symmetry.space_group_name_H-M   'P 32 2 1'
#
loop_
_entity.id
_entity.type
_entity.pdbx_description
1 polymer 'Inhibitor of Type II CRISPR-Cas system'
2 water water
#
_entity_poly.entity_id   1
_entity_poly.type   'polypeptide(L)'
_entity_poly.pdbx_seq_one_letter_code
;S(MSE)TFGQALESLKRGHLVARKGWNGKG(MSE)FIF(MSE)RPEDSLPTN(MSE)IVNQVKSLPESFKRWVANNHGDS
ETDRIKFTAYLC(MSE)KAADGTIVNGWLASQTD(MSE)LANDWVIVE
;
_entity_poly.pdbx_strand_id   A,D,B,C
#
# COMPACT_ATOMS: atom_id res chain seq x y z
N SER A 1 -12.85 9.89 -17.76
CA SER A 1 -13.54 9.94 -16.47
C SER A 1 -13.80 8.51 -15.95
N MSE A 2 -12.74 7.83 -15.46
CA MSE A 2 -12.75 6.39 -15.25
C MSE A 2 -12.59 6.09 -13.78
O MSE A 2 -11.88 6.82 -13.09
CB MSE A 2 -11.58 5.71 -15.95
CG MSE A 2 -11.28 6.27 -17.23
SE MSE A 2 -9.64 5.47 -17.67
CE MSE A 2 -10.17 3.74 -18.24
N THR A 3 -13.19 5.00 -13.33
CA THR A 3 -12.90 4.50 -12.00
C THR A 3 -11.56 3.76 -12.01
N PHE A 4 -11.07 3.41 -10.80
CA PHE A 4 -9.85 2.62 -10.75
C PHE A 4 -10.12 1.26 -11.38
N GLY A 5 -11.34 0.71 -11.23
CA GLY A 5 -11.64 -0.55 -11.89
C GLY A 5 -11.46 -0.47 -13.40
N GLN A 6 -11.97 0.59 -14.02
CA GLN A 6 -11.79 0.76 -15.46
C GLN A 6 -10.32 1.00 -15.80
N ALA A 7 -9.62 1.75 -14.97
CA ALA A 7 -8.17 1.91 -15.16
C ALA A 7 -7.45 0.57 -15.10
N LEU A 8 -7.84 -0.31 -14.17
CA LEU A 8 -7.21 -1.62 -14.06
C LEU A 8 -7.46 -2.45 -15.29
N GLU A 9 -8.69 -2.39 -15.81
CA GLU A 9 -8.94 -3.17 -17.01
C GLU A 9 -8.13 -2.63 -18.18
N SER A 10 -7.91 -1.32 -18.24
CA SER A 10 -7.05 -0.75 -19.28
C SER A 10 -5.59 -1.17 -19.08
N LEU A 11 -5.11 -1.15 -17.85
CA LEU A 11 -3.77 -1.62 -17.51
C LEU A 11 -3.57 -3.07 -17.94
N LYS A 12 -4.56 -3.92 -17.66
CA LYS A 12 -4.49 -5.33 -18.03
C LYS A 12 -4.38 -5.51 -19.53
N ARG A 13 -4.93 -4.58 -20.29
CA ARG A 13 -4.79 -4.59 -21.75
C ARG A 13 -3.59 -3.80 -22.26
N GLY A 14 -2.67 -3.37 -21.38
CA GLY A 14 -1.41 -2.82 -21.84
C GLY A 14 -1.30 -1.30 -21.95
N HIS A 15 -2.28 -0.56 -21.45
CA HIS A 15 -2.26 0.89 -21.54
C HIS A 15 -1.47 1.51 -20.38
N LEU A 16 -1.07 2.77 -20.58
CA LEU A 16 -0.57 3.62 -19.51
C LEU A 16 -1.72 4.49 -19.04
N VAL A 17 -1.90 4.61 -17.72
CA VAL A 17 -3.00 5.37 -17.14
C VAL A 17 -2.50 6.27 -16.02
N ALA A 18 -3.32 7.26 -15.66
CA ALA A 18 -2.94 8.22 -14.62
C ALA A 18 -4.20 8.80 -13.99
N ARG A 19 -4.02 9.49 -12.86
CA ARG A 19 -5.10 10.26 -12.25
C ARG A 19 -4.90 11.74 -12.56
N LYS A 20 -5.99 12.46 -12.87
CA LYS A 20 -5.85 13.91 -13.01
C LYS A 20 -5.48 14.57 -11.68
N GLY A 21 -5.92 14.02 -10.55
CA GLY A 21 -5.67 14.66 -9.26
C GLY A 21 -4.34 14.48 -8.52
N TRP A 22 -3.40 13.79 -9.14
CA TRP A 22 -2.13 13.56 -8.52
C TRP A 22 -1.31 14.80 -8.24
N ASN A 23 -0.59 14.87 -7.14
CA ASN A 23 0.19 16.09 -6.98
C ASN A 23 1.29 16.27 -8.03
N GLY A 24 1.99 15.20 -8.32
CA GLY A 24 3.03 15.28 -9.32
C GLY A 24 2.53 15.33 -10.73
N LYS A 25 3.38 15.75 -11.67
CA LYS A 25 2.98 15.85 -13.07
C LYS A 25 3.81 15.01 -14.01
N GLY A 26 3.20 14.53 -15.10
CA GLY A 26 3.86 13.66 -16.04
C GLY A 26 3.92 12.21 -15.63
N MSE A 27 3.17 11.84 -14.60
CA MSE A 27 3.26 10.50 -14.08
C MSE A 27 2.29 9.55 -14.68
O MSE A 27 1.23 9.95 -15.10
CB MSE A 27 3.11 10.48 -12.56
CG MSE A 27 3.73 11.69 -11.87
SE MSE A 27 3.87 11.38 -9.93
CE MSE A 27 2.00 11.29 -9.44
N PHE A 28 2.64 8.27 -14.71
CA PHE A 28 1.66 7.28 -15.15
C PHE A 28 2.02 5.94 -14.58
N ILE A 29 1.07 4.99 -14.61
CA ILE A 29 1.36 3.64 -14.15
C ILE A 29 1.11 2.66 -15.27
N PHE A 30 1.69 1.47 -15.14
CA PHE A 30 1.55 0.45 -16.16
C PHE A 30 1.73 -0.93 -15.53
N MSE A 31 1.26 -1.94 -16.22
CA MSE A 31 1.44 -3.32 -15.75
C MSE A 31 2.52 -4.13 -16.41
O MSE A 31 2.67 -4.14 -17.64
CB MSE A 31 0.10 -4.07 -15.86
CG MSE A 31 0.17 -5.49 -15.24
SE MSE A 31 -1.50 -6.46 -15.64
CE MSE A 31 -0.89 -7.23 -17.34
N ARG A 32 3.34 -4.78 -15.58
CA ARG A 32 4.31 -5.73 -16.08
C ARG A 32 3.75 -7.14 -15.89
N PRO A 33 3.77 -7.94 -16.95
CA PRO A 33 3.09 -9.22 -16.93
C PRO A 33 3.90 -10.26 -16.18
N GLU A 34 3.23 -11.37 -15.94
CA GLU A 34 3.85 -12.51 -15.30
C GLU A 34 5.03 -13.01 -16.12
N ASP A 35 6.01 -13.60 -15.44
CA ASP A 35 7.19 -14.11 -16.12
C ASP A 35 7.69 -15.30 -15.32
N SER A 36 8.44 -16.19 -15.98
CA SER A 36 8.86 -17.44 -15.35
C SER A 36 10.29 -17.70 -15.78
N LEU A 37 11.20 -17.81 -14.81
CA LEU A 37 12.61 -17.91 -15.18
C LEU A 37 13.19 -19.24 -14.71
N PRO A 38 14.13 -19.83 -15.45
CA PRO A 38 14.86 -20.98 -14.90
C PRO A 38 15.70 -20.56 -13.70
N THR A 39 15.68 -21.41 -12.67
CA THR A 39 16.36 -21.07 -11.42
C THR A 39 17.86 -20.85 -11.59
N ASN A 40 18.53 -21.55 -12.52
CA ASN A 40 19.96 -21.34 -12.65
C ASN A 40 20.25 -19.92 -13.17
N MSE A 41 19.38 -19.41 -14.03
CA MSE A 41 19.45 -18.02 -14.44
C MSE A 41 19.38 -17.07 -13.23
O MSE A 41 20.16 -16.10 -13.13
CB MSE A 41 18.34 -17.72 -15.44
CG MSE A 41 18.24 -16.29 -15.87
SE MSE A 41 17.60 -16.13 -17.70
CE MSE A 41 17.78 -14.20 -17.84
N ILE A 42 18.43 -17.33 -12.33
CA ILE A 42 18.32 -16.54 -11.10
C ILE A 42 19.63 -16.53 -10.34
N VAL A 43 20.17 -17.73 -10.09
CA VAL A 43 21.33 -17.83 -9.21
C VAL A 43 22.55 -17.17 -9.82
N ASN A 44 22.69 -17.20 -11.12
CA ASN A 44 23.95 -16.68 -11.68
C ASN A 44 23.97 -15.45 -12.58
N GLN A 45 22.90 -15.15 -13.26
CA GLN A 45 22.88 -13.98 -14.11
C GLN A 45 21.98 -12.81 -13.72
N VAL A 46 20.75 -13.07 -13.30
CA VAL A 46 19.85 -12.02 -12.94
C VAL A 46 20.42 -11.24 -11.81
N LYS A 47 20.41 -9.94 -11.95
CA LYS A 47 20.85 -9.10 -10.87
C LYS A 47 19.75 -8.22 -10.42
N SER A 48 20.06 -7.32 -9.54
CA SER A 48 19.04 -6.59 -8.84
C SER A 48 18.41 -7.67 -7.96
N LEU A 49 19.18 -8.68 -7.59
CA LEU A 49 18.72 -9.66 -6.60
C LEU A 49 19.80 -9.75 -5.53
N PRO A 50 19.41 -9.71 -4.28
CA PRO A 50 20.38 -9.79 -3.20
C PRO A 50 21.05 -11.16 -3.07
N GLU A 51 22.29 -11.17 -2.59
CA GLU A 51 22.98 -12.45 -2.54
C GLU A 51 22.22 -13.46 -1.68
N SER A 52 21.61 -13.01 -0.57
CA SER A 52 20.83 -13.93 0.26
C SER A 52 19.69 -14.59 -0.53
N PHE A 53 19.04 -13.85 -1.42
CA PHE A 53 17.97 -14.49 -2.21
C PHE A 53 18.54 -15.50 -3.19
N LYS A 54 19.63 -15.15 -3.87
CA LYS A 54 20.26 -16.11 -4.76
C LYS A 54 20.71 -17.37 -4.01
N ARG A 55 21.22 -17.20 -2.79
CA ARG A 55 21.58 -18.35 -1.99
C ARG A 55 20.36 -19.21 -1.65
N TRP A 56 19.24 -18.56 -1.28
CA TRP A 56 18.02 -19.31 -0.98
C TRP A 56 17.56 -20.14 -2.18
N VAL A 57 17.56 -19.53 -3.37
CA VAL A 57 17.18 -20.26 -4.58
C VAL A 57 18.14 -21.43 -4.81
N ALA A 58 19.45 -21.18 -4.70
CA ALA A 58 20.42 -22.24 -4.94
C ALA A 58 20.23 -23.40 -3.97
N ASN A 59 20.06 -23.09 -2.69
CA ASN A 59 19.87 -24.10 -1.67
C ASN A 59 18.55 -24.83 -1.81
N ASN A 60 17.60 -24.28 -2.56
CA ASN A 60 16.38 -25.04 -2.79
C ASN A 60 16.28 -25.68 -4.16
N HIS A 61 17.21 -25.42 -5.09
CA HIS A 61 17.14 -26.03 -6.42
C HIS A 61 18.46 -26.59 -6.96
N GLY A 62 19.60 -26.01 -6.61
CA GLY A 62 20.87 -26.58 -7.05
C GLY A 62 21.19 -26.27 -8.51
N ASP A 63 21.72 -27.26 -9.23
CA ASP A 63 22.12 -27.11 -10.64
C ASP A 63 20.99 -27.33 -11.63
N SER A 64 19.75 -27.53 -11.17
CA SER A 64 18.66 -27.82 -12.10
C SER A 64 18.64 -26.79 -13.24
N GLU A 65 18.41 -27.27 -14.45
CA GLU A 65 18.25 -26.40 -15.59
C GLU A 65 16.84 -26.45 -16.14
N THR A 66 15.91 -27.10 -15.41
CA THR A 66 14.50 -27.11 -15.74
C THR A 66 13.59 -26.59 -14.64
N ASP A 67 14.09 -26.45 -13.40
CA ASP A 67 13.32 -25.81 -12.34
C ASP A 67 13.09 -24.34 -12.65
N ARG A 68 11.93 -23.84 -12.24
CA ARG A 68 11.50 -22.51 -12.63
C ARG A 68 11.00 -21.77 -11.41
N ILE A 69 11.17 -20.45 -11.42
CA ILE A 69 10.53 -19.58 -10.45
C ILE A 69 9.66 -18.56 -11.18
N LYS A 70 8.42 -18.43 -10.72
CA LYS A 70 7.40 -17.60 -11.32
C LYS A 70 7.28 -16.26 -10.60
N PHE A 71 7.30 -15.17 -11.39
CA PHE A 71 7.12 -13.80 -10.92
C PHE A 71 5.75 -13.33 -11.38
N THR A 72 4.88 -12.99 -10.41
CA THR A 72 3.52 -12.56 -10.70
C THR A 72 3.56 -11.25 -11.45
N ALA A 73 2.42 -10.93 -12.09
CA ALA A 73 2.24 -9.61 -12.65
C ALA A 73 2.21 -8.57 -11.53
N TYR A 74 2.46 -7.31 -11.88
CA TYR A 74 2.50 -6.27 -10.85
C TYR A 74 2.48 -4.91 -11.55
N LEU A 75 2.18 -3.87 -10.77
CA LEU A 75 2.04 -2.51 -11.29
C LEU A 75 3.30 -1.69 -11.00
N CYS A 76 3.59 -0.76 -11.90
CA CYS A 76 4.74 0.11 -11.78
C CYS A 76 4.39 1.53 -12.11
N MSE A 77 5.22 2.46 -11.64
CA MSE A 77 5.00 3.86 -11.92
C MSE A 77 6.14 4.60 -12.56
O MSE A 77 7.27 4.38 -12.14
CB MSE A 77 4.76 4.63 -10.62
CG MSE A 77 4.47 6.09 -10.85
SE MSE A 77 4.09 7.10 -9.23
CE MSE A 77 2.25 7.46 -9.81
N LYS A 78 5.90 5.40 -13.58
CA LYS A 78 6.91 6.27 -14.11
C LYS A 78 6.68 7.51 -13.30
N ALA A 79 7.57 7.78 -12.37
CA ALA A 79 7.41 8.87 -11.46
C ALA A 79 7.71 10.25 -12.00
N ALA A 80 7.37 11.23 -11.21
CA ALA A 80 7.58 12.61 -11.62
C ALA A 80 9.02 12.89 -12.02
N ASP A 81 9.94 12.38 -11.25
CA ASP A 81 11.35 12.64 -11.55
C ASP A 81 11.89 11.76 -12.64
N GLY A 82 11.04 11.03 -13.35
CA GLY A 82 11.48 10.21 -14.45
C GLY A 82 11.96 8.82 -14.10
N THR A 83 12.03 8.47 -12.82
CA THR A 83 12.45 7.14 -12.44
C THR A 83 11.26 6.17 -12.54
N ILE A 84 11.57 4.89 -12.51
CA ILE A 84 10.55 3.82 -12.54
C ILE A 84 10.53 3.16 -11.17
N VAL A 85 9.34 3.11 -10.59
CA VAL A 85 9.08 2.40 -9.34
C VAL A 85 8.38 1.10 -9.66
N ASN A 86 9.09 -0.02 -9.53
CA ASN A 86 8.46 -1.34 -9.59
C ASN A 86 7.66 -1.52 -8.31
N GLY A 87 6.36 -1.78 -8.44
CA GLY A 87 5.57 -2.05 -7.27
C GLY A 87 4.74 -0.87 -6.81
N TRP A 88 4.12 -0.16 -7.77
CA TRP A 88 3.24 0.94 -7.42
C TRP A 88 2.10 0.43 -6.56
N LEU A 89 1.75 1.20 -5.58
CA LEU A 89 0.63 0.82 -4.72
C LEU A 89 -0.36 1.97 -4.70
N ALA A 90 -1.64 1.62 -4.52
CA ALA A 90 -2.76 2.54 -4.68
C ALA A 90 -3.16 3.06 -3.32
N SER A 91 -3.18 4.39 -3.17
CA SER A 91 -3.68 5.02 -1.94
C SER A 91 -5.17 4.81 -1.81
N GLN A 92 -5.73 5.11 -0.63
CA GLN A 92 -7.19 5.08 -0.49
C GLN A 92 -7.83 5.96 -1.55
N THR A 93 -7.29 7.17 -1.71
CA THR A 93 -7.88 8.10 -2.68
C THR A 93 -7.79 7.57 -4.10
N ASP A 94 -6.64 6.96 -4.46
CA ASP A 94 -6.47 6.38 -5.80
C ASP A 94 -7.51 5.31 -6.07
N MSE A 95 -7.66 4.37 -5.14
CA MSE A 95 -8.63 3.30 -5.29
C MSE A 95 -10.07 3.76 -5.47
O MSE A 95 -10.83 3.12 -6.21
CB MSE A 95 -8.56 2.39 -4.05
CG MSE A 95 -7.31 1.54 -4.07
SE MSE A 95 -7.28 0.12 -2.74
CE MSE A 95 -7.23 1.22 -1.19
N LEU A 96 -10.43 4.83 -4.77
CA LEU A 96 -11.85 5.23 -4.75
C LEU A 96 -12.16 6.37 -5.70
N ALA A 97 -11.17 6.87 -6.45
CA ALA A 97 -11.35 8.05 -7.29
C ALA A 97 -11.95 7.69 -8.63
N ASN A 98 -12.58 8.68 -9.30
CA ASN A 98 -13.10 8.43 -10.64
C ASN A 98 -12.54 9.44 -11.64
N ASP A 99 -11.29 9.85 -11.43
CA ASP A 99 -10.61 10.82 -12.29
C ASP A 99 -9.45 10.18 -13.05
N TRP A 100 -9.54 8.88 -13.30
CA TRP A 100 -8.50 8.16 -14.05
C TRP A 100 -8.62 8.47 -15.54
N VAL A 101 -7.47 8.48 -16.21
CA VAL A 101 -7.43 8.75 -17.64
C VAL A 101 -6.37 7.88 -18.30
N ILE A 102 -6.58 7.59 -19.57
CA ILE A 102 -5.60 6.87 -20.37
C ILE A 102 -4.55 7.83 -20.86
N VAL A 103 -3.28 7.48 -20.64
CA VAL A 103 -2.16 8.25 -21.18
C VAL A 103 -1.73 7.69 -22.52
N GLU A 104 -1.66 6.36 -22.64
CA GLU A 104 -1.45 5.74 -23.97
C GLU A 104 -2.11 4.38 -24.10
N SER B 1 12.96 -10.11 17.94
CA SER B 1 11.88 -9.12 17.97
C SER B 1 12.35 -7.77 17.43
N MSE B 2 11.78 -7.32 16.30
CA MSE B 2 12.35 -6.20 15.61
C MSE B 2 11.12 -5.36 15.26
O MSE B 2 10.06 -5.93 14.96
CB MSE B 2 12.98 -6.63 14.30
CG MSE B 2 14.04 -7.60 14.54
SE MSE B 2 14.55 -8.11 12.82
CE MSE B 2 15.60 -6.64 12.41
N THR B 3 11.25 -4.04 15.29
CA THR B 3 10.27 -3.15 14.66
C THR B 3 10.33 -3.28 13.14
N PHE B 4 9.32 -2.72 12.46
CA PHE B 4 9.41 -2.65 11.00
C PHE B 4 10.59 -1.75 10.58
N GLY B 5 10.91 -0.73 11.39
CA GLY B 5 12.08 0.09 11.07
C GLY B 5 13.37 -0.71 11.07
N GLN B 6 13.53 -1.57 12.07
CA GLN B 6 14.71 -2.41 12.14
C GLN B 6 14.71 -3.42 11.00
N ALA B 7 13.54 -3.95 10.64
CA ALA B 7 13.45 -4.85 9.51
C ALA B 7 13.90 -4.15 8.23
N LEU B 8 13.49 -2.89 8.04
CA LEU B 8 13.88 -2.16 6.85
C LEU B 8 15.38 -1.95 6.81
N GLU B 9 15.99 -1.59 7.95
CA GLU B 9 17.44 -1.40 7.91
C GLU B 9 18.15 -2.72 7.58
N SER B 10 17.58 -3.84 8.06
CA SER B 10 18.13 -5.14 7.71
C SER B 10 17.92 -5.46 6.23
N LEU B 11 16.75 -5.14 5.71
CA LEU B 11 16.47 -5.30 4.29
C LEU B 11 17.47 -4.51 3.44
N LYS B 12 17.73 -3.27 3.82
CA LYS B 12 18.65 -2.44 3.04
C LYS B 12 20.03 -3.03 3.03
N ARG B 13 20.37 -3.82 4.05
CA ARG B 13 21.69 -4.43 4.09
C ARG B 13 21.68 -5.86 3.54
N GLY B 14 20.68 -6.21 2.71
CA GLY B 14 20.65 -7.44 1.93
C GLY B 14 20.07 -8.68 2.58
N HIS B 15 19.38 -8.54 3.71
CA HIS B 15 18.81 -9.66 4.45
C HIS B 15 17.39 -10.01 3.95
N LEU B 16 17.00 -11.26 4.22
CA LEU B 16 15.61 -11.71 4.07
C LEU B 16 14.96 -11.59 5.44
N VAL B 17 13.78 -10.95 5.52
CA VAL B 17 13.09 -10.80 6.80
C VAL B 17 11.64 -11.22 6.67
N ALA B 18 11.00 -11.38 7.82
CA ALA B 18 9.62 -11.81 7.85
C ALA B 18 9.00 -11.44 9.18
N ARG B 19 7.70 -11.49 9.24
CA ARG B 19 7.07 -11.41 10.54
C ARG B 19 6.97 -12.82 11.14
N LYS B 20 7.00 -12.92 12.46
CA LYS B 20 7.06 -14.24 13.09
C LYS B 20 5.88 -15.13 12.64
N GLY B 21 4.68 -14.57 12.53
CA GLY B 21 3.58 -15.43 12.09
C GLY B 21 3.67 -15.90 10.65
N TRP B 22 4.59 -15.36 9.85
CA TRP B 22 4.75 -15.86 8.49
C TRP B 22 5.45 -17.21 8.43
N ASN B 23 6.03 -17.69 9.55
CA ASN B 23 6.97 -18.80 9.41
C ASN B 23 6.26 -20.07 8.95
N GLY B 24 5.00 -20.27 9.35
CA GLY B 24 4.29 -21.45 8.90
C GLY B 24 4.18 -21.57 7.39
N LYS B 25 4.03 -20.44 6.71
CA LYS B 25 3.87 -20.45 5.26
C LYS B 25 5.21 -20.24 4.57
N GLY B 26 6.27 -19.98 5.32
CA GLY B 26 7.57 -19.80 4.74
C GLY B 26 7.69 -18.58 3.84
N MSE B 27 7.00 -17.49 4.17
CA MSE B 27 7.05 -16.27 3.36
C MSE B 27 8.17 -15.39 3.87
O MSE B 27 8.49 -15.41 5.09
CB MSE B 27 5.73 -15.51 3.45
CG MSE B 27 4.59 -16.38 3.25
SE MSE B 27 2.98 -15.36 3.46
CE MSE B 27 2.66 -15.92 5.25
N PHE B 28 8.79 -14.62 2.97
CA PHE B 28 9.72 -13.59 3.42
C PHE B 28 9.73 -12.47 2.41
N ILE B 29 10.33 -11.34 2.79
CA ILE B 29 10.52 -10.23 1.86
C ILE B 29 12.00 -9.87 1.75
N PHE B 30 12.35 -9.22 0.64
CA PHE B 30 13.74 -8.87 0.38
C PHE B 30 13.75 -7.57 -0.43
N MSE B 31 14.90 -6.89 -0.46
CA MSE B 31 14.91 -5.70 -1.30
C MSE B 31 15.71 -5.92 -2.56
O MSE B 31 16.77 -6.57 -2.55
CB MSE B 31 15.39 -4.47 -0.51
CG MSE B 31 15.71 -3.19 -1.34
SE MSE B 31 16.80 -1.88 -0.41
CE MSE B 31 18.52 -2.47 -1.05
N ARG B 32 15.19 -5.38 -3.68
CA ARG B 32 15.99 -5.34 -4.88
C ARG B 32 16.52 -3.93 -5.05
N PRO B 33 17.81 -3.80 -5.26
CA PRO B 33 18.45 -2.47 -5.27
C PRO B 33 18.16 -1.72 -6.56
N GLU B 34 18.50 -0.44 -6.54
CA GLU B 34 18.39 0.44 -7.70
C GLU B 34 19.22 -0.07 -8.87
N ASP B 35 18.74 0.18 -10.08
CA ASP B 35 19.54 -0.15 -11.26
C ASP B 35 19.24 0.87 -12.33
N SER B 36 20.23 1.19 -13.18
CA SER B 36 20.08 2.22 -14.19
C SER B 36 20.45 1.59 -15.52
N LEU B 37 19.51 1.55 -16.48
CA LEU B 37 19.71 0.76 -17.72
C LEU B 37 19.57 1.63 -18.96
N PRO B 38 20.33 1.33 -20.03
CA PRO B 38 20.21 2.12 -21.26
C PRO B 38 18.85 1.95 -21.92
N THR B 39 18.36 3.03 -22.51
CA THR B 39 17.02 2.99 -23.08
C THR B 39 16.92 1.96 -24.19
N ASN B 40 17.99 1.73 -24.96
CA ASN B 40 17.82 0.79 -26.08
C ASN B 40 17.60 -0.63 -25.57
N MSE B 41 18.18 -0.97 -24.42
CA MSE B 41 17.98 -2.28 -23.80
C MSE B 41 16.54 -2.40 -23.33
O MSE B 41 15.92 -3.45 -23.43
CB MSE B 41 18.97 -2.47 -22.64
CG MSE B 41 18.80 -3.75 -21.83
SE MSE B 41 20.14 -3.91 -20.41
CE MSE B 41 21.75 -3.61 -21.46
N ILE B 42 16.02 -1.28 -22.83
CA ILE B 42 14.64 -1.26 -22.36
C ILE B 42 13.70 -1.51 -23.54
N VAL B 43 13.92 -0.78 -24.63
CA VAL B 43 13.04 -0.91 -25.78
C VAL B 43 13.15 -2.30 -26.39
N ASN B 44 14.35 -2.87 -26.45
CA ASN B 44 14.54 -4.04 -27.31
C ASN B 44 14.83 -5.35 -26.59
N GLN B 45 15.28 -5.35 -25.34
CA GLN B 45 15.69 -6.59 -24.69
C GLN B 45 14.99 -6.91 -23.38
N VAL B 46 14.46 -5.92 -22.67
CA VAL B 46 13.81 -6.22 -21.40
C VAL B 46 12.47 -6.91 -21.69
N LYS B 47 12.16 -7.96 -20.92
CA LYS B 47 11.18 -8.91 -21.45
C LYS B 47 9.72 -8.61 -21.02
N SER B 48 9.48 -8.31 -19.76
CA SER B 48 8.12 -8.09 -19.23
C SER B 48 7.75 -6.61 -19.18
N LEU B 49 7.82 -5.90 -20.30
CA LEU B 49 7.37 -4.53 -20.36
C LEU B 49 6.28 -4.43 -21.41
N PRO B 50 5.21 -3.67 -21.18
CA PRO B 50 4.16 -3.56 -22.19
C PRO B 50 4.66 -2.75 -23.38
N GLU B 51 4.07 -3.03 -24.55
CA GLU B 51 4.46 -2.32 -25.75
C GLU B 51 4.31 -0.82 -25.59
N SER B 52 3.27 -0.37 -24.88
CA SER B 52 3.04 1.07 -24.78
C SER B 52 4.16 1.76 -24.01
N PHE B 53 4.72 1.09 -23.00
CA PHE B 53 5.83 1.70 -22.26
C PHE B 53 7.10 1.73 -23.09
N LYS B 54 7.36 0.68 -23.85
CA LYS B 54 8.53 0.66 -24.73
C LYS B 54 8.42 1.75 -25.80
N ARG B 55 7.21 1.96 -26.30
CA ARG B 55 6.95 3.02 -27.26
C ARG B 55 7.15 4.39 -26.62
N TRP B 56 6.67 4.58 -25.39
CA TRP B 56 6.94 5.85 -24.71
C TRP B 56 8.44 6.09 -24.58
N VAL B 57 9.18 5.05 -24.24
CA VAL B 57 10.62 5.26 -24.06
C VAL B 57 11.26 5.63 -25.39
N ALA B 58 10.93 4.88 -26.45
CA ALA B 58 11.53 5.15 -27.75
C ALA B 58 11.18 6.55 -28.24
N ASN B 59 10.00 7.01 -27.93
CA ASN B 59 9.61 8.33 -28.37
C ASN B 59 10.09 9.43 -27.46
N ASN B 60 10.82 9.07 -26.40
CA ASN B 60 11.56 10.12 -25.70
C ASN B 60 13.09 10.01 -25.79
N HIS B 61 13.67 8.89 -26.24
CA HIS B 61 15.12 8.72 -26.24
C HIS B 61 15.72 8.22 -27.55
N GLY B 62 14.91 7.94 -28.57
CA GLY B 62 15.45 7.52 -29.85
C GLY B 62 16.22 6.24 -29.71
N ASP B 63 17.44 6.24 -30.25
CA ASP B 63 18.39 5.16 -30.01
C ASP B 63 19.60 5.59 -29.16
N SER B 64 19.55 6.77 -28.52
CA SER B 64 20.73 7.33 -27.85
C SER B 64 21.42 6.27 -27.00
N GLU B 65 22.65 5.93 -27.40
CA GLU B 65 23.38 4.84 -26.77
C GLU B 65 23.67 5.09 -25.32
N THR B 66 23.49 6.32 -24.85
CA THR B 66 23.79 6.63 -23.46
C THR B 66 22.58 6.85 -22.58
N ASP B 67 21.42 7.17 -23.11
CA ASP B 67 20.32 7.52 -22.22
C ASP B 67 19.95 6.39 -21.31
N ARG B 68 19.78 6.73 -20.07
CA ARG B 68 19.44 5.72 -19.11
C ARG B 68 18.21 6.00 -18.31
N ILE B 69 17.53 4.95 -17.93
CA ILE B 69 16.38 5.07 -17.06
C ILE B 69 16.69 4.36 -15.78
N LYS B 70 16.44 5.03 -14.68
CA LYS B 70 16.66 4.48 -13.39
C LYS B 70 15.49 3.80 -12.76
N PHE B 71 15.69 2.59 -12.28
CA PHE B 71 14.68 1.85 -11.57
C PHE B 71 15.02 1.93 -10.08
N THR B 72 14.16 2.54 -9.28
CA THR B 72 14.41 2.72 -7.84
C THR B 72 14.48 1.35 -7.13
N ALA B 73 15.09 1.34 -5.95
CA ALA B 73 15.01 0.13 -5.14
C ALA B 73 13.58 -0.15 -4.74
N TYR B 74 13.27 -1.41 -4.46
CA TYR B 74 11.90 -1.75 -4.05
C TYR B 74 11.89 -3.06 -3.30
N LEU B 75 10.74 -3.36 -2.65
CA LEU B 75 10.65 -4.57 -1.84
C LEU B 75 9.87 -5.67 -2.59
N CYS B 76 10.25 -6.92 -2.34
CA CYS B 76 9.59 -8.04 -2.98
C CYS B 76 9.27 -9.12 -1.97
N MSE B 77 8.26 -9.89 -2.30
CA MSE B 77 7.84 -11.04 -1.50
C MSE B 77 8.06 -12.39 -2.14
O MSE B 77 7.68 -12.61 -3.26
CB MSE B 77 6.35 -10.96 -1.11
CG MSE B 77 5.92 -12.20 -0.27
SE MSE B 77 4.24 -12.04 0.67
CE MSE B 77 4.96 -11.45 2.34
N LYS B 78 8.69 -13.31 -1.43
CA LYS B 78 8.62 -14.74 -1.78
C LYS B 78 7.36 -15.26 -1.07
N ALA B 79 6.32 -15.52 -1.86
CA ALA B 79 4.99 -15.73 -1.35
C ALA B 79 4.84 -17.17 -0.86
N ALA B 80 3.72 -17.43 -0.20
CA ALA B 80 3.42 -18.77 0.32
C ALA B 80 3.41 -19.83 -0.76
N ASP B 81 2.92 -19.50 -1.95
CA ASP B 81 2.89 -20.45 -3.07
C ASP B 81 4.21 -20.52 -3.82
N GLY B 82 5.28 -19.95 -3.29
CA GLY B 82 6.57 -20.02 -3.94
C GLY B 82 6.77 -19.05 -5.09
N THR B 83 5.77 -18.26 -5.45
CA THR B 83 5.98 -17.26 -6.50
C THR B 83 6.63 -16.01 -5.90
N ILE B 84 7.15 -15.13 -6.76
CA ILE B 84 7.80 -13.90 -6.31
C ILE B 84 6.90 -12.73 -6.68
N VAL B 85 6.55 -11.90 -5.69
CA VAL B 85 5.77 -10.69 -5.95
C VAL B 85 6.71 -9.50 -5.92
N ASN B 86 6.97 -8.89 -7.09
CA ASN B 86 7.65 -7.59 -7.10
C ASN B 86 6.70 -6.52 -6.59
N GLY B 87 7.15 -5.72 -5.61
CA GLY B 87 6.36 -4.60 -5.13
C GLY B 87 5.52 -5.01 -3.94
N TRP B 88 6.14 -5.61 -2.94
CA TRP B 88 5.43 -5.95 -1.71
C TRP B 88 4.94 -4.68 -1.00
N LEU B 89 3.71 -4.77 -0.46
CA LEU B 89 2.94 -3.81 0.36
C LEU B 89 3.04 -4.08 1.84
N ALA B 90 3.29 -3.05 2.66
CA ALA B 90 3.18 -3.16 4.12
C ALA B 90 1.78 -2.71 4.57
N SER B 91 1.07 -3.59 5.29
CA SER B 91 -0.20 -3.16 5.86
C SER B 91 0.00 -2.27 7.07
N GLN B 92 -1.10 -1.69 7.57
CA GLN B 92 -1.03 -0.93 8.82
C GLN B 92 -0.44 -1.81 9.91
N THR B 93 -0.95 -3.04 10.01
CA THR B 93 -0.49 -3.91 11.07
C THR B 93 0.99 -4.25 10.91
N ASP B 94 1.41 -4.51 9.67
CA ASP B 94 2.83 -4.79 9.38
C ASP B 94 3.73 -3.64 9.81
N MSE B 95 3.39 -2.42 9.36
CA MSE B 95 4.22 -1.28 9.74
C MSE B 95 4.31 -1.02 11.21
O MSE B 95 5.38 -0.57 11.63
CB MSE B 95 3.85 0.04 9.03
CG MSE B 95 3.67 -0.06 7.55
SE MSE B 95 3.21 1.66 6.76
CE MSE B 95 1.30 1.56 6.99
N LEU B 96 3.28 -1.37 11.98
CA LEU B 96 3.35 -1.03 13.40
C LEU B 96 3.75 -2.20 14.28
N ALA B 97 3.95 -3.38 13.70
CA ALA B 97 4.29 -4.59 14.44
C ALA B 97 5.73 -4.59 14.94
N ASN B 98 5.96 -5.33 16.03
CA ASN B 98 7.32 -5.50 16.53
C ASN B 98 7.70 -6.97 16.61
N ASP B 99 7.18 -7.79 15.67
CA ASP B 99 7.47 -9.21 15.63
C ASP B 99 8.24 -9.60 14.37
N TRP B 100 9.04 -8.67 13.84
CA TRP B 100 9.88 -8.93 12.68
C TRP B 100 11.09 -9.76 13.10
N VAL B 101 11.52 -10.65 12.21
CA VAL B 101 12.69 -11.47 12.45
C VAL B 101 13.52 -11.59 11.19
N ILE B 102 14.82 -11.83 11.36
CA ILE B 102 15.70 -12.10 10.23
C ILE B 102 15.60 -13.57 9.83
N VAL B 103 15.30 -13.80 8.55
CA VAL B 103 15.23 -15.15 8.02
C VAL B 103 16.59 -15.59 7.52
N GLU B 104 17.29 -14.68 6.83
CA GLU B 104 18.68 -15.00 6.45
C GLU B 104 19.44 -13.69 6.37
N SER C 1 -15.68 -14.77 -11.68
CA SER C 1 -16.05 -14.27 -10.35
C SER C 1 -15.99 -12.72 -10.52
N MSE C 2 -15.41 -11.95 -9.59
CA MSE C 2 -15.24 -10.49 -9.79
C MSE C 2 -13.80 -10.04 -9.85
O MSE C 2 -12.95 -10.59 -9.16
CB MSE C 2 -15.88 -9.70 -8.66
CG MSE C 2 -17.28 -10.05 -8.33
SE MSE C 2 -17.47 -9.23 -6.61
CE MSE C 2 -18.25 -7.76 -7.25
N THR C 3 -13.55 -8.98 -10.60
CA THR C 3 -12.27 -8.28 -10.59
C THR C 3 -12.20 -7.38 -9.38
N PHE C 4 -10.99 -6.90 -9.05
CA PHE C 4 -10.90 -5.89 -8.00
C PHE C 4 -11.72 -4.65 -8.38
N GLY C 5 -11.80 -4.31 -9.67
CA GLY C 5 -12.56 -3.13 -10.04
C GLY C 5 -14.03 -3.32 -9.75
N GLN C 6 -14.54 -4.52 -10.02
CA GLN C 6 -15.93 -4.76 -9.70
C GLN C 6 -16.16 -4.80 -8.20
N ALA C 7 -15.17 -5.32 -7.47
CA ALA C 7 -15.26 -5.32 -6.01
C ALA C 7 -15.32 -3.89 -5.49
N LEU C 8 -14.51 -2.99 -6.05
CA LEU C 8 -14.53 -1.61 -5.61
C LEU C 8 -15.89 -1.00 -5.89
N GLU C 9 -16.47 -1.30 -7.06
CA GLU C 9 -17.78 -0.71 -7.33
C GLU C 9 -18.82 -1.24 -6.34
N SER C 10 -18.71 -2.50 -5.95
CA SER C 10 -19.60 -3.05 -4.92
C SER C 10 -19.37 -2.41 -3.56
N LEU C 11 -18.10 -2.24 -3.18
CA LEU C 11 -17.76 -1.54 -1.95
C LEU C 11 -18.38 -0.14 -1.91
N LYS C 12 -18.26 0.61 -3.02
CA LYS C 12 -18.82 1.96 -3.02
C LYS C 12 -20.33 1.96 -2.80
N ARG C 13 -21.01 0.89 -3.19
CA ARG C 13 -22.44 0.72 -2.98
C ARG C 13 -22.74 0.08 -1.64
N GLY C 14 -21.75 -0.03 -0.77
CA GLY C 14 -21.98 -0.35 0.62
C GLY C 14 -21.86 -1.82 0.96
N HIS C 15 -21.31 -2.65 0.09
CA HIS C 15 -21.23 -4.08 0.37
C HIS C 15 -19.96 -4.43 1.14
N LEU C 16 -19.99 -5.59 1.81
CA LEU C 16 -18.78 -6.23 2.32
C LEU C 16 -18.27 -7.17 1.26
N VAL C 17 -16.94 -7.17 0.99
CA VAL C 17 -16.42 -8.04 -0.04
C VAL C 17 -15.14 -8.71 0.45
N ALA C 18 -14.75 -9.76 -0.26
CA ALA C 18 -13.55 -10.51 0.12
C ALA C 18 -13.05 -11.25 -1.10
N ARG C 19 -11.78 -11.66 -1.04
CA ARG C 19 -11.32 -12.62 -2.02
C ARG C 19 -11.74 -14.01 -1.57
N LYS C 20 -11.88 -14.95 -2.52
CA LYS C 20 -12.34 -16.29 -2.14
C LYS C 20 -11.46 -16.94 -1.07
N GLY C 21 -10.13 -16.84 -1.22
CA GLY C 21 -9.28 -17.49 -0.22
C GLY C 21 -9.43 -16.96 1.20
N TRP C 22 -10.13 -15.85 1.39
CA TRP C 22 -10.29 -15.30 2.72
C TRP C 22 -11.37 -16.03 3.52
N ASN C 23 -12.16 -16.85 2.86
CA ASN C 23 -13.37 -17.39 3.48
C ASN C 23 -13.07 -18.14 4.77
N GLY C 24 -12.07 -19.02 4.73
CA GLY C 24 -11.77 -19.81 5.90
C GLY C 24 -11.46 -18.96 7.12
N LYS C 25 -10.83 -17.79 6.92
CA LYS C 25 -10.47 -16.95 8.06
C LYS C 25 -11.53 -15.93 8.41
N GLY C 26 -12.60 -15.81 7.61
CA GLY C 26 -13.69 -14.92 7.96
C GLY C 26 -13.35 -13.43 7.81
N MSE C 27 -12.40 -13.11 6.95
CA MSE C 27 -11.97 -11.73 6.69
C MSE C 27 -12.84 -11.02 5.66
O MSE C 27 -13.26 -11.65 4.69
CB MSE C 27 -10.55 -11.77 6.21
CG MSE C 27 -9.58 -11.95 7.30
SE MSE C 27 -7.86 -12.45 6.55
CE MSE C 27 -8.29 -13.71 5.19
N PHE C 28 -13.08 -9.72 5.80
CA PHE C 28 -13.73 -9.01 4.69
C PHE C 28 -13.32 -7.56 4.75
N ILE C 29 -13.54 -6.84 3.65
CA ILE C 29 -13.31 -5.40 3.66
C ILE C 29 -14.60 -4.64 3.37
N PHE C 30 -14.59 -3.35 3.74
CA PHE C 30 -15.75 -2.48 3.55
C PHE C 30 -15.27 -1.05 3.39
N MSE C 31 -16.14 -0.21 2.85
CA MSE C 31 -15.79 1.20 2.69
C MSE C 31 -16.44 2.06 3.74
O MSE C 31 -17.65 1.94 3.97
CB MSE C 31 -16.23 1.70 1.32
CG MSE C 31 -15.65 3.06 1.00
SE MSE C 31 -16.41 3.80 -0.65
CE MSE C 31 -18.00 4.52 0.19
N ARG C 32 -15.64 2.92 4.37
CA ARG C 32 -16.22 3.98 5.19
C ARG C 32 -16.32 5.26 4.37
N PRO C 33 -17.50 5.83 4.34
CA PRO C 33 -17.77 6.96 3.44
C PRO C 33 -17.15 8.24 4.01
N GLU C 34 -17.06 9.23 3.14
CA GLU C 34 -16.63 10.56 3.54
C GLU C 34 -17.43 11.06 4.73
N ASP C 35 -16.78 11.83 5.60
CA ASP C 35 -17.46 12.38 6.78
C ASP C 35 -16.76 13.67 7.22
N SER C 36 -17.52 14.66 7.60
CA SER C 36 -16.94 15.91 8.02
C SER C 36 -17.34 16.12 9.44
N LEU C 37 -16.36 16.24 10.29
CA LEU C 37 -16.66 16.41 11.67
C LEU C 37 -16.30 17.80 12.18
N PRO C 38 -17.20 18.34 13.06
CA PRO C 38 -16.85 19.67 13.51
C PRO C 38 -15.58 19.65 14.17
N THR C 39 -14.88 20.74 14.06
CA THR C 39 -13.59 20.82 14.65
C THR C 39 -13.68 20.63 16.15
N ASN C 40 -14.69 21.19 16.78
CA ASN C 40 -14.77 21.09 18.19
C ASN C 40 -14.69 19.68 18.65
N MSE C 41 -15.41 18.81 17.98
CA MSE C 41 -15.36 17.44 18.35
C MSE C 41 -13.94 16.94 18.18
O MSE C 41 -13.46 16.19 19.01
CB MSE C 41 -16.30 16.71 17.44
CG MSE C 41 -17.75 17.07 17.64
SE MSE C 41 -18.08 16.59 19.52
CE MSE C 41 -17.87 14.66 19.19
N ILE C 42 -13.28 17.33 17.11
CA ILE C 42 -11.95 16.83 16.83
C ILE C 42 -10.97 17.22 17.91
N VAL C 43 -10.98 18.47 18.27
CA VAL C 43 -10.08 18.94 19.30
C VAL C 43 -10.40 18.45 20.68
N ASN C 44 -11.69 18.32 20.98
CA ASN C 44 -12.08 17.99 22.34
C ASN C 44 -12.77 16.71 22.68
N GLN C 45 -13.37 16.05 21.73
CA GLN C 45 -14.10 14.83 22.00
C GLN C 45 -13.56 13.55 21.37
N VAL C 46 -12.79 13.64 20.29
CA VAL C 46 -12.33 12.46 19.59
C VAL C 46 -11.11 11.93 20.30
N LYS C 47 -11.21 10.70 20.73
CA LYS C 47 -10.15 10.16 21.58
C LYS C 47 -9.05 9.47 20.79
N SER C 48 -9.35 8.97 19.60
CA SER C 48 -8.43 8.26 18.73
C SER C 48 -7.62 9.19 17.84
N LEU C 49 -7.28 10.39 18.33
CA LEU C 49 -6.40 11.29 17.60
C LEU C 49 -5.24 11.70 18.51
N PRO C 50 -4.03 11.77 17.99
CA PRO C 50 -2.90 12.17 18.84
C PRO C 50 -2.98 13.65 19.20
N GLU C 51 -2.35 14.00 20.33
CA GLU C 51 -2.40 15.39 20.80
C GLU C 51 -1.74 16.33 19.80
N SER C 52 -0.69 15.87 19.11
CA SER C 52 -0.05 16.66 18.07
C SER C 52 -1.06 17.08 16.99
N PHE C 53 -1.95 16.17 16.59
CA PHE C 53 -2.93 16.51 15.56
C PHE C 53 -3.99 17.45 16.09
N LYS C 54 -4.40 17.27 17.35
CA LYS C 54 -5.42 18.14 17.92
C LYS C 54 -4.88 19.56 18.04
N ARG C 55 -3.63 19.69 18.46
CA ARG C 55 -2.92 20.94 18.47
C ARG C 55 -2.98 21.50 17.05
N TRP C 56 -2.33 20.82 16.09
CA TRP C 56 -2.32 21.30 14.70
C TRP C 56 -3.68 21.87 14.28
N VAL C 57 -4.76 21.14 14.55
CA VAL C 57 -6.08 21.70 14.27
C VAL C 57 -6.25 23.02 15.04
N ALA C 58 -5.82 23.19 16.25
CA ALA C 58 -5.97 24.49 16.91
C ALA C 58 -4.98 25.58 16.50
N ASN C 59 -3.79 25.22 16.07
CA ASN C 59 -2.85 26.19 15.60
C ASN C 59 -3.43 26.83 14.36
N ASN C 60 -4.31 26.12 13.69
CA ASN C 60 -4.88 26.58 12.48
C ASN C 60 -6.23 27.14 12.65
N HIS C 61 -6.96 26.66 13.64
CA HIS C 61 -8.37 27.10 13.75
C HIS C 61 -8.80 27.69 15.05
N GLY C 62 -7.94 27.62 16.04
CA GLY C 62 -8.29 28.26 17.30
C GLY C 62 -9.61 27.82 17.90
N ASP C 63 -10.47 28.78 18.23
CA ASP C 63 -11.75 28.49 18.87
C ASP C 63 -12.90 28.39 17.92
N SER C 64 -12.60 28.15 16.64
CA SER C 64 -13.64 28.14 15.65
C SER C 64 -14.72 27.21 15.98
N GLU C 65 -15.92 27.73 15.94
CA GLU C 65 -17.05 26.93 16.20
C GLU C 65 -17.58 26.46 14.91
N THR C 66 -17.09 27.01 13.81
CA THR C 66 -17.60 26.65 12.50
C THR C 66 -16.72 25.85 11.52
N ASP C 67 -15.42 25.85 11.75
CA ASP C 67 -14.52 25.20 10.80
C ASP C 67 -14.53 23.72 10.93
N ARG C 68 -14.65 22.98 9.83
CA ARG C 68 -14.74 21.52 9.80
C ARG C 68 -13.53 20.91 9.10
N ILE C 69 -13.17 19.71 9.53
CA ILE C 69 -12.17 18.90 8.85
C ILE C 69 -12.92 17.79 8.12
N LYS C 70 -12.55 17.55 6.87
CA LYS C 70 -13.18 16.54 6.03
C LYS C 70 -12.30 15.30 6.02
N PHE C 71 -12.91 14.13 6.22
CA PHE C 71 -12.22 12.83 6.21
C PHE C 71 -12.71 12.09 4.97
N THR C 72 -11.81 11.86 4.00
CA THR C 72 -12.28 11.26 2.77
C THR C 72 -12.66 9.80 2.99
N ALA C 73 -13.28 9.17 1.98
CA ALA C 73 -13.62 7.76 2.11
C ALA C 73 -12.37 6.88 2.14
N TYR C 74 -12.50 5.68 2.70
CA TYR C 74 -11.34 4.78 2.76
C TYR C 74 -11.84 3.35 2.98
N LEU C 75 -10.93 2.39 2.78
CA LEU C 75 -11.27 0.98 2.94
C LEU C 75 -10.75 0.47 4.27
N CYS C 76 -11.50 -0.48 4.82
CA CYS C 76 -11.17 -1.08 6.10
C CYS C 76 -11.34 -2.59 6.07
N MSE C 77 -10.66 -3.27 6.96
CA MSE C 77 -10.79 -4.72 7.06
C MSE C 77 -11.30 -5.21 8.38
O MSE C 77 -10.86 -4.69 9.39
CB MSE C 77 -9.42 -5.44 6.87
CG MSE C 77 -9.52 -6.95 6.88
SE MSE C 77 -7.84 -7.89 6.52
CE MSE C 77 -8.38 -8.63 4.80
N LYS C 78 -12.22 -6.15 8.39
CA LYS C 78 -12.59 -6.82 9.59
C LYS C 78 -11.66 -8.01 9.51
N ALA C 79 -10.67 -8.00 10.37
CA ALA C 79 -9.66 -9.01 10.33
C ALA C 79 -10.00 -10.36 10.91
N ALA C 80 -9.09 -11.31 10.71
CA ALA C 80 -9.29 -12.67 11.19
C ALA C 80 -9.50 -12.73 12.67
N ASP C 81 -8.80 -11.87 13.41
CA ASP C 81 -8.87 -11.84 14.86
C ASP C 81 -10.06 -11.07 15.42
N GLY C 82 -10.86 -10.51 14.54
CA GLY C 82 -12.02 -9.81 14.96
C GLY C 82 -11.84 -8.33 15.15
N THR C 83 -10.61 -7.86 15.01
CA THR C 83 -10.37 -6.43 15.14
C THR C 83 -10.71 -5.75 13.82
N ILE C 84 -10.78 -4.42 13.82
CA ILE C 84 -11.00 -3.63 12.61
C ILE C 84 -9.73 -2.88 12.28
N VAL C 85 -9.22 -3.04 11.07
CA VAL C 85 -8.06 -2.31 10.58
C VAL C 85 -8.55 -1.20 9.64
N ASN C 86 -8.50 0.04 10.11
CA ASN C 86 -8.82 1.16 9.22
C ASN C 86 -7.67 1.34 8.26
N GLY C 87 -7.91 1.46 6.98
CA GLY C 87 -6.83 1.63 6.06
C GLY C 87 -6.29 0.41 5.39
N TRP C 88 -7.19 -0.46 4.96
CA TRP C 88 -6.79 -1.64 4.26
C TRP C 88 -6.12 -1.28 2.98
N LEU C 89 -5.09 -2.01 2.66
CA LEU C 89 -4.45 -1.77 1.42
C LEU C 89 -4.36 -3.01 0.55
N ALA C 90 -4.37 -2.79 -0.76
CA ALA C 90 -4.35 -3.87 -1.72
C ALA C 90 -2.99 -4.27 -2.24
N SER C 91 -2.70 -5.53 -2.19
CA SER C 91 -1.46 -6.02 -2.73
C SER C 91 -1.49 -6.07 -4.25
N GLN C 92 -0.34 -6.31 -4.85
CA GLN C 92 -0.33 -6.49 -6.30
C GLN C 92 -1.25 -7.64 -6.71
N THR C 93 -1.17 -8.71 -5.98
CA THR C 93 -2.01 -9.85 -6.28
C THR C 93 -3.50 -9.56 -6.10
N ASP C 94 -3.83 -8.86 -5.05
CA ASP C 94 -5.21 -8.49 -4.84
C ASP C 94 -5.75 -7.61 -5.95
N MSE C 95 -4.95 -6.63 -6.35
CA MSE C 95 -5.38 -5.73 -7.37
C MSE C 95 -5.66 -6.42 -8.68
O MSE C 95 -6.55 -5.99 -9.39
CB MSE C 95 -4.41 -4.58 -7.58
CG MSE C 95 -4.38 -3.61 -6.42
SE MSE C 95 -3.30 -2.02 -6.87
CE MSE C 95 -1.50 -2.81 -6.77
N LEU C 96 -4.88 -7.42 -9.00
CA LEU C 96 -5.00 -8.08 -10.29
C LEU C 96 -5.80 -9.39 -10.31
N ALA C 97 -6.31 -9.80 -9.16
CA ALA C 97 -7.08 -11.00 -9.07
C ALA C 97 -8.49 -10.89 -9.56
N ASN C 98 -9.08 -12.03 -9.90
CA ASN C 98 -10.46 -11.98 -10.34
C ASN C 98 -11.27 -13.03 -9.57
N ASP C 99 -10.98 -13.17 -8.28
CA ASP C 99 -11.69 -14.10 -7.40
C ASP C 99 -12.39 -13.37 -6.25
N TRP C 100 -12.81 -12.13 -6.47
CA TRP C 100 -13.50 -11.37 -5.44
C TRP C 100 -14.94 -11.86 -5.34
N VAL C 101 -15.50 -11.82 -4.14
CA VAL C 101 -16.89 -12.21 -3.94
C VAL C 101 -17.54 -11.18 -3.04
N ILE C 102 -18.86 -11.07 -3.16
CA ILE C 102 -19.62 -10.26 -2.22
C ILE C 102 -19.91 -11.12 -0.98
N VAL C 103 -19.54 -10.61 0.19
CA VAL C 103 -19.79 -11.31 1.45
C VAL C 103 -21.16 -10.94 1.97
N GLU C 104 -21.51 -9.66 1.88
CA GLU C 104 -22.85 -9.25 2.41
C GLU C 104 -23.23 -7.99 1.67
N SER D 1 16.89 14.30 8.23
CA SER D 1 17.58 13.08 7.79
C SER D 1 17.19 11.84 8.61
N MSE D 2 15.89 11.48 8.60
CA MSE D 2 15.43 10.23 9.21
C MSE D 2 15.07 9.18 8.15
O MSE D 2 14.55 9.54 7.08
CB MSE D 2 14.19 10.43 10.09
CG MSE D 2 14.37 11.22 11.38
SE MSE D 2 12.65 11.28 12.32
CE MSE D 2 11.79 12.27 10.95
N THR D 3 15.35 7.91 8.46
CA THR D 3 14.81 6.78 7.69
C THR D 3 13.33 6.62 7.99
N PHE D 4 12.66 5.73 7.23
CA PHE D 4 11.27 5.45 7.54
C PHE D 4 11.15 4.79 8.92
N GLY D 5 12.14 3.98 9.30
CA GLY D 5 12.10 3.37 10.63
C GLY D 5 12.13 4.41 11.73
N GLN D 6 13.03 5.40 11.59
CA GLN D 6 13.04 6.47 12.58
C GLN D 6 11.75 7.24 12.58
N ALA D 7 11.23 7.55 11.38
CA ALA D 7 9.96 8.26 11.29
C ALA D 7 8.84 7.48 11.99
N LEU D 8 8.82 6.16 11.84
CA LEU D 8 7.78 5.34 12.47
C LEU D 8 7.93 5.35 13.98
N GLU D 9 9.17 5.32 14.48
CA GLU D 9 9.28 5.38 15.93
C GLU D 9 8.83 6.73 16.45
N SER D 10 9.00 7.80 15.66
CA SER D 10 8.42 9.08 16.06
C SER D 10 6.90 9.06 15.98
N LEU D 11 6.36 8.44 14.93
CA LEU D 11 4.91 8.31 14.80
C LEU D 11 4.33 7.58 16.02
N LYS D 12 4.99 6.52 16.45
CA LYS D 12 4.53 5.76 17.60
C LYS D 12 4.53 6.59 18.87
N ARG D 13 5.38 7.60 18.95
CA ARG D 13 5.44 8.50 20.09
C ARG D 13 4.59 9.75 19.91
N GLY D 14 3.72 9.79 18.91
CA GLY D 14 2.76 10.86 18.83
C GLY D 14 3.15 12.04 17.98
N HIS D 15 4.24 11.95 17.23
CA HIS D 15 4.67 13.09 16.44
C HIS D 15 4.03 13.06 15.03
N LEU D 16 4.02 14.23 14.39
CA LEU D 16 3.73 14.39 12.97
C LEU D 16 5.03 14.41 12.19
N VAL D 17 5.09 13.66 11.08
CA VAL D 17 6.29 13.54 10.24
C VAL D 17 5.91 13.71 8.76
N ALA D 18 6.94 13.95 7.93
CA ALA D 18 6.76 14.12 6.49
C ALA D 18 8.05 13.78 5.77
N ARG D 19 7.96 13.66 4.44
CA ARG D 19 9.13 13.50 3.60
C ARG D 19 9.40 14.80 2.86
N LYS D 20 10.67 15.24 2.86
CA LYS D 20 11.07 16.38 2.04
C LYS D 20 10.78 16.13 0.57
N GLY D 21 11.01 14.89 0.12
CA GLY D 21 10.87 14.48 -1.27
C GLY D 21 9.47 14.31 -1.80
N TRP D 22 8.44 14.37 -0.96
CA TRP D 22 7.07 14.27 -1.49
C TRP D 22 6.80 15.38 -2.48
N ASN D 23 5.94 15.10 -3.47
CA ASN D 23 5.56 16.13 -4.43
C ASN D 23 4.62 17.16 -3.80
N GLY D 24 3.56 16.72 -3.13
CA GLY D 24 2.68 17.67 -2.46
C GLY D 24 3.39 18.37 -1.30
N LYS D 25 3.04 19.65 -1.08
CA LYS D 25 3.56 20.45 0.01
C LYS D 25 2.56 20.63 1.15
N GLY D 26 3.11 20.79 2.36
CA GLY D 26 2.31 20.98 3.55
C GLY D 26 1.71 19.71 4.09
N MSE D 27 2.10 18.54 3.59
CA MSE D 27 1.43 17.35 4.07
C MSE D 27 2.17 16.72 5.20
O MSE D 27 3.34 17.01 5.46
CB MSE D 27 1.21 16.30 2.95
CG MSE D 27 0.93 16.84 1.62
SE MSE D 27 0.75 15.44 0.23
CE MSE D 27 2.62 14.95 0.04
N PHE D 28 1.45 15.86 5.94
CA PHE D 28 2.17 15.14 6.97
C PHE D 28 1.35 13.92 7.32
N ILE D 29 1.97 12.97 7.99
CA ILE D 29 1.23 11.80 8.43
C ILE D 29 1.31 11.72 9.94
N PHE D 30 0.37 10.96 10.51
CA PHE D 30 0.29 10.82 11.96
C PHE D 30 -0.32 9.45 12.27
N MSE D 31 -0.09 8.99 13.49
CA MSE D 31 -0.69 7.74 13.96
C MSE D 31 -1.92 7.95 14.81
O MSE D 31 -1.89 8.74 15.76
CB MSE D 31 0.33 6.91 14.77
CG MSE D 31 -0.16 5.44 14.98
SE MSE D 31 0.98 4.41 16.19
CE MSE D 31 0.56 5.45 17.78
N ARG D 32 -2.99 7.20 14.50
CA ARG D 32 -4.14 7.13 15.38
C ARG D 32 -4.03 5.86 16.22
N PRO D 33 -4.06 6.00 17.52
CA PRO D 33 -3.81 4.86 18.40
C PRO D 33 -5.00 3.89 18.39
N GLU D 34 -4.74 2.68 18.90
CA GLU D 34 -5.79 1.70 19.16
C GLU D 34 -6.97 2.33 19.89
N ASP D 35 -8.20 1.94 19.54
CA ASP D 35 -9.39 2.46 20.19
C ASP D 35 -10.38 1.32 20.35
N SER D 36 -11.07 1.26 21.48
CA SER D 36 -12.05 0.20 21.72
C SER D 36 -13.39 0.88 21.93
N LEU D 37 -14.35 0.59 21.07
CA LEU D 37 -15.64 1.23 21.21
C LEU D 37 -16.71 0.23 21.63
N PRO D 38 -17.72 0.63 22.40
CA PRO D 38 -18.83 -0.29 22.67
C PRO D 38 -19.62 -0.50 21.38
N THR D 39 -20.10 -1.73 21.19
CA THR D 39 -20.76 -2.06 19.92
C THR D 39 -22.05 -1.30 19.73
N ASN D 40 -22.75 -0.95 20.82
CA ASN D 40 -23.89 -0.04 20.72
C ASN D 40 -23.55 1.22 20.00
N MSE D 41 -22.40 1.80 20.33
CA MSE D 41 -21.92 2.99 19.68
C MSE D 41 -21.64 2.78 18.18
O MSE D 41 -21.90 3.67 17.37
CB MSE D 41 -20.65 3.46 20.39
CG MSE D 41 -20.03 4.67 19.79
SE MSE D 41 -19.02 5.60 21.11
CE MSE D 41 -20.47 6.83 21.58
N ILE D 42 -21.08 1.63 17.85
CA ILE D 42 -20.78 1.31 16.45
C ILE D 42 -22.05 1.16 15.64
N VAL D 43 -23.05 0.51 16.22
CA VAL D 43 -24.28 0.19 15.51
C VAL D 43 -25.17 1.42 15.40
N ASN D 44 -25.21 2.26 16.44
CA ASN D 44 -26.23 3.28 16.50
C ASN D 44 -25.72 4.72 16.41
N GLN D 45 -24.44 4.96 16.52
CA GLN D 45 -23.98 6.34 16.54
C GLN D 45 -22.96 6.78 15.51
N VAL D 46 -22.16 5.87 15.00
CA VAL D 46 -21.13 6.27 14.09
C VAL D 46 -21.63 6.33 12.66
N LYS D 47 -21.67 7.51 12.10
CA LYS D 47 -22.15 7.68 10.75
C LYS D 47 -21.28 7.18 9.64
N SER D 48 -19.98 7.15 9.86
CA SER D 48 -19.10 6.77 8.79
C SER D 48 -18.94 5.28 8.65
N LEU D 49 -20.03 4.55 8.71
CA LEU D 49 -19.97 3.13 8.57
C LEU D 49 -21.08 2.73 7.67
N PRO D 50 -20.83 1.75 6.84
CA PRO D 50 -21.91 1.27 6.02
C PRO D 50 -22.95 0.45 6.82
N GLU D 51 -24.17 0.43 6.35
CA GLU D 51 -25.21 -0.33 7.02
C GLU D 51 -24.91 -1.82 7.09
N SER D 52 -24.31 -2.34 6.04
CA SER D 52 -23.97 -3.77 6.08
C SER D 52 -23.03 -4.07 7.22
N PHE D 53 -22.08 -3.17 7.50
CA PHE D 53 -21.16 -3.40 8.61
C PHE D 53 -21.85 -3.26 9.97
N LYS D 54 -22.73 -2.25 10.12
CA LYS D 54 -23.49 -2.11 11.36
C LYS D 54 -24.33 -3.35 11.61
N ARG D 55 -24.92 -3.94 10.55
CA ARG D 55 -25.67 -5.18 10.74
C ARG D 55 -24.76 -6.32 11.13
N TRP D 56 -23.60 -6.43 10.49
CA TRP D 56 -22.67 -7.46 10.87
C TRP D 56 -22.34 -7.36 12.36
N VAL D 57 -22.13 -6.13 12.83
CA VAL D 57 -21.80 -5.92 14.24
C VAL D 57 -22.98 -6.32 15.14
N ALA D 58 -24.17 -5.84 14.81
CA ALA D 58 -25.37 -6.20 15.58
C ALA D 58 -25.63 -7.70 15.59
N ASN D 59 -25.31 -8.41 14.51
CA ASN D 59 -25.58 -9.85 14.45
C ASN D 59 -24.56 -10.65 15.22
N ASN D 60 -23.33 -10.15 15.31
CA ASN D 60 -22.23 -10.93 15.89
C ASN D 60 -21.78 -10.44 17.25
N HIS D 61 -22.47 -9.46 17.81
CA HIS D 61 -22.13 -8.92 19.11
C HIS D 61 -23.30 -8.48 19.93
N GLY D 62 -23.08 -8.30 21.23
CA GLY D 62 -24.13 -7.87 22.16
C GLY D 62 -24.33 -6.37 22.27
N ASP D 63 -25.15 -5.90 23.21
CA ASP D 63 -25.47 -4.50 23.27
C ASP D 63 -25.20 -3.77 24.57
N SER D 64 -24.25 -4.20 25.36
CA SER D 64 -24.10 -3.64 26.70
C SER D 64 -22.97 -2.77 27.17
N GLU D 65 -22.14 -2.30 26.29
CA GLU D 65 -21.07 -1.37 26.64
C GLU D 65 -19.89 -2.09 27.18
N THR D 66 -20.04 -3.36 27.45
CA THR D 66 -18.92 -4.14 27.83
C THR D 66 -18.61 -4.87 26.54
N ASP D 67 -19.51 -4.75 25.61
CA ASP D 67 -19.33 -5.39 24.35
C ASP D 67 -18.57 -4.44 23.50
N ARG D 68 -17.37 -4.81 23.12
CA ARG D 68 -16.52 -3.92 22.40
C ARG D 68 -15.88 -4.36 21.12
N ILE D 69 -15.68 -3.43 20.19
CA ILE D 69 -14.93 -3.69 18.98
C ILE D 69 -13.66 -2.86 18.97
N LYS D 70 -12.55 -3.55 18.77
CA LYS D 70 -11.23 -2.96 18.83
C LYS D 70 -10.80 -2.53 17.43
N PHE D 71 -10.42 -1.28 17.31
CA PHE D 71 -9.86 -0.73 16.09
C PHE D 71 -8.37 -0.57 16.32
N THR D 72 -7.56 -1.30 15.55
CA THR D 72 -6.11 -1.28 15.70
C THR D 72 -5.57 0.11 15.39
N ALA D 73 -4.32 0.36 15.81
CA ALA D 73 -3.66 1.59 15.44
C ALA D 73 -3.45 1.62 13.92
N TYR D 74 -3.35 2.84 13.36
CA TYR D 74 -3.12 2.97 11.91
C TYR D 74 -2.58 4.35 11.61
N LEU D 75 -2.01 4.47 10.41
CA LEU D 75 -1.47 5.74 9.96
C LEU D 75 -2.41 6.52 9.09
N CYS D 76 -2.30 7.84 9.14
CA CYS D 76 -3.16 8.72 8.39
C CYS D 76 -2.43 9.89 7.82
N MSE D 77 -3.02 10.52 6.84
CA MSE D 77 -2.39 11.63 6.20
C MSE D 77 -3.18 12.89 6.20
O MSE D 77 -4.38 12.83 5.99
CB MSE D 77 -2.01 11.25 4.76
CG MSE D 77 -1.36 12.43 4.03
SE MSE D 77 -0.93 12.08 2.15
CE MSE D 77 0.98 12.05 2.53
N LYS D 78 -2.54 14.02 6.49
CA LYS D 78 -3.22 15.29 6.31
C LYS D 78 -2.73 15.65 4.93
N ALA D 79 -3.62 15.63 3.99
CA ALA D 79 -3.26 15.85 2.62
C ALA D 79 -3.03 17.29 2.23
N ALA D 80 -2.55 17.47 1.01
CA ALA D 80 -2.29 18.79 0.49
C ALA D 80 -3.49 19.70 0.41
N ASP D 81 -4.68 19.18 0.20
CA ASP D 81 -5.89 19.95 0.16
C ASP D 81 -6.58 20.18 1.51
N GLY D 82 -5.97 19.71 2.58
CA GLY D 82 -6.55 19.88 3.88
C GLY D 82 -7.43 18.77 4.38
N THR D 83 -7.62 17.77 3.55
CA THR D 83 -8.43 16.64 3.93
C THR D 83 -7.62 15.65 4.66
N ILE D 84 -8.29 14.76 5.39
CA ILE D 84 -7.61 13.71 6.08
C ILE D 84 -7.88 12.35 5.43
N VAL D 85 -6.84 11.60 5.14
CA VAL D 85 -6.95 10.24 4.60
C VAL D 85 -6.65 9.28 5.73
N ASN D 86 -7.66 8.60 6.26
CA ASN D 86 -7.39 7.52 7.20
C ASN D 86 -6.81 6.34 6.42
N GLY D 87 -5.69 5.79 6.80
CA GLY D 87 -5.15 4.70 6.07
C GLY D 87 -4.06 5.02 5.07
N TRP D 88 -3.10 5.78 5.52
CA TRP D 88 -1.99 6.09 4.68
C TRP D 88 -1.16 4.92 4.28
N LEU D 89 -0.70 4.92 3.04
CA LEU D 89 0.12 3.88 2.47
C LEU D 89 1.54 4.34 2.21
N ALA D 90 2.50 3.49 2.54
CA ALA D 90 3.88 3.78 2.22
C ALA D 90 4.31 3.20 0.89
N SER D 91 4.70 4.08 -0.03
CA SER D 91 5.20 3.64 -1.31
C SER D 91 6.57 2.97 -1.17
N GLN D 92 7.01 2.30 -2.22
CA GLN D 92 8.37 1.74 -2.18
C GLN D 92 9.38 2.82 -1.82
N THR D 93 9.21 4.01 -2.42
CA THR D 93 10.13 5.11 -2.22
C THR D 93 10.01 5.66 -0.80
N ASP D 94 8.79 5.76 -0.29
CA ASP D 94 8.59 6.17 1.10
C ASP D 94 9.33 5.25 2.06
N MSE D 95 9.13 3.94 1.90
CA MSE D 95 9.72 2.96 2.81
C MSE D 95 11.24 3.01 2.81
O MSE D 95 11.83 2.75 3.85
CB MSE D 95 9.24 1.57 2.40
CG MSE D 95 7.74 1.38 2.72
SE MSE D 95 7.25 -0.52 2.61
CE MSE D 95 7.38 -0.64 0.69
N LEU D 96 11.85 3.33 1.65
CA LEU D 96 13.31 3.19 1.56
C LEU D 96 14.07 4.52 1.62
N ALA D 97 13.36 5.62 1.77
CA ALA D 97 13.95 6.96 1.74
C ALA D 97 14.53 7.33 3.10
N ASN D 98 15.44 8.33 3.08
CA ASN D 98 16.05 8.83 4.29
C ASN D 98 15.84 10.34 4.44
N ASP D 99 14.73 10.85 3.88
CA ASP D 99 14.45 12.29 3.86
C ASP D 99 13.22 12.63 4.69
N TRP D 100 12.94 11.82 5.72
CA TRP D 100 11.88 12.07 6.68
C TRP D 100 12.27 13.15 7.67
N VAL D 101 11.27 13.96 8.05
CA VAL D 101 11.45 15.10 8.95
C VAL D 101 10.31 15.15 9.95
N ILE D 102 10.62 15.60 11.16
CA ILE D 102 9.60 15.81 12.16
C ILE D 102 8.88 17.13 11.86
N VAL D 103 7.56 17.08 11.82
CA VAL D 103 6.75 18.26 11.56
C VAL D 103 6.19 18.84 12.87
N GLU D 104 5.88 17.99 13.83
CA GLU D 104 5.58 18.45 15.20
C GLU D 104 5.82 17.30 16.21
#